data_3GA1
#
_entry.id   3GA1
#
_cell.length_a   57.690
_cell.length_b   57.690
_cell.length_c   172.600
_cell.angle_alpha   90.000
_cell.angle_beta   90.000
_cell.angle_gamma   90.000
#
_symmetry.space_group_name_H-M   'P 41 21 2'
#
loop_
_entity.id
_entity.type
_entity.pdbx_description
1 polymer 'Nucleus accumbens-associated protein 1'
2 non-polymer 'NITRATE ION'
3 water water
#
_entity_poly.entity_id   1
_entity_poly.type   'polypeptide(L)'
_entity_poly.pdbx_seq_one_letter_code
;GPLGSAQTLQMEIPNFGNSILECLNEQRLQGLYCDVSVVVKGHAFKAHRAVLAASSSYFRDLFNNSRSAVVELPAAVQPQ
SFQQILSFCYTGRLSMNVGDQDLLMYTAGFLQIQEIMEKGTEFFLKVSS
;
_entity_poly.pdbx_strand_id   A,B
#
# COMPACT_ATOMS: atom_id res chain seq x y z
N GLN A 7 16.29 27.26 -3.21
CA GLN A 7 16.47 26.44 -4.43
C GLN A 7 16.07 25.02 -4.07
N THR A 8 14.84 24.67 -4.41
CA THR A 8 14.34 23.32 -4.25
C THR A 8 14.56 22.53 -5.55
N LEU A 9 14.91 21.26 -5.39
CA LEU A 9 14.97 20.32 -6.48
C LEU A 9 13.80 19.42 -6.24
N GLN A 10 13.10 19.08 -7.31
CA GLN A 10 11.85 18.36 -7.20
C GLN A 10 11.78 17.30 -8.29
N MET A 11 11.28 16.14 -7.90
CA MET A 11 10.97 15.11 -8.87
C MET A 11 9.53 14.66 -8.61
N GLU A 12 8.86 14.21 -9.66
CA GLU A 12 7.49 13.76 -9.56
C GLU A 12 7.19 12.73 -10.63
N ILE A 13 6.84 11.53 -10.20
CA ILE A 13 6.49 10.47 -11.12
C ILE A 13 4.97 10.43 -11.27
N PRO A 14 4.49 10.71 -12.50
CA PRO A 14 3.07 10.67 -12.82
C PRO A 14 2.42 9.32 -12.50
N ASN A 15 1.21 9.37 -11.95
CA ASN A 15 0.42 8.16 -11.72
C ASN A 15 1.20 7.11 -10.98
N PHE A 16 1.93 7.57 -9.99
CA PHE A 16 2.74 6.71 -9.17
C PHE A 16 1.89 5.76 -8.35
N GLY A 17 0.82 6.29 -7.75
CA GLY A 17 -0.07 5.44 -6.96
C GLY A 17 -0.67 4.32 -7.80
N ASN A 18 -1.08 4.63 -9.02
CA ASN A 18 -1.62 3.61 -9.90
C ASN A 18 -0.68 2.40 -10.02
N SER A 19 0.63 2.58 -10.19
CA SER A 19 1.71 1.60 -10.34
CA SER A 19 1.74 1.63 -10.31
C SER A 19 1.93 0.84 -9.02
N ILE A 20 1.98 1.57 -7.93
CA ILE A 20 2.22 0.95 -6.64
C ILE A 20 1.08 0.00 -6.24
N LEU A 21 -0.17 0.43 -6.43
CA LEU A 21 -1.29 -0.47 -6.09
C LEU A 21 -1.26 -1.72 -6.96
N GLU A 22 -0.91 -1.61 -8.23
CA GLU A 22 -0.71 -2.82 -9.04
C GLU A 22 0.34 -3.78 -8.43
N CYS A 23 1.45 -3.17 -7.97
CA CYS A 23 2.41 -4.06 -7.30
CA CYS A 23 2.41 -4.07 -7.29
C CYS A 23 1.84 -4.72 -6.03
N LEU A 24 1.07 -3.95 -5.26
CA LEU A 24 0.47 -4.50 -4.05
C LEU A 24 -0.49 -5.62 -4.39
N ASN A 25 -1.18 -5.51 -5.51
CA ASN A 25 -2.09 -6.57 -5.91
C ASN A 25 -1.31 -7.83 -6.29
N GLU A 26 -0.26 -7.63 -7.11
CA GLU A 26 0.65 -8.73 -7.44
C GLU A 26 1.17 -9.38 -6.17
N GLN A 27 1.61 -8.59 -5.20
CA GLN A 27 2.11 -9.13 -3.97
C GLN A 27 1.04 -10.01 -3.32
N ARG A 28 -0.17 -9.52 -3.26
CA ARG A 28 -1.22 -10.24 -2.59
C ARG A 28 -1.47 -11.51 -3.35
N LEU A 29 -1.63 -11.40 -4.67
CA LEU A 29 -1.85 -12.58 -5.48
C LEU A 29 -0.78 -13.63 -5.25
N GLN A 30 0.44 -13.21 -4.91
CA GLN A 30 1.52 -14.18 -4.73
C GLN A 30 1.83 -14.40 -3.26
N GLY A 31 0.94 -13.90 -2.42
CA GLY A 31 1.05 -14.06 -0.96
C GLY A 31 2.27 -13.42 -0.35
N LEU A 32 2.63 -12.20 -0.77
CA LEU A 32 3.83 -11.54 -0.25
C LEU A 32 3.52 -10.34 0.65
N TYR A 33 4.22 -10.25 1.78
CA TYR A 33 4.16 -9.13 2.70
C TYR A 33 2.75 -8.90 3.25
N CYS A 34 1.94 -9.95 3.30
CA CYS A 34 0.60 -9.86 3.80
C CYS A 34 0.61 -9.91 5.33
N ASP A 35 -0.25 -9.13 5.97
CA ASP A 35 -0.30 -9.11 7.43
C ASP A 35 -1.66 -9.53 8.00
N VAL A 36 -2.56 -10.00 7.14
CA VAL A 36 -3.79 -10.57 7.63
C VAL A 36 -4.32 -11.69 6.75
N SER A 37 -4.99 -12.65 7.38
CA SER A 37 -5.71 -13.66 6.63
C SER A 37 -7.17 -13.54 6.96
N VAL A 38 -7.98 -13.31 5.94
CA VAL A 38 -9.42 -13.18 6.12
C VAL A 38 -10.09 -14.48 5.72
N VAL A 39 -10.76 -15.14 6.65
CA VAL A 39 -11.35 -16.44 6.39
C VAL A 39 -12.87 -16.32 6.17
N VAL A 40 -13.33 -16.85 5.05
CA VAL A 40 -14.74 -16.79 4.68
C VAL A 40 -15.22 -18.20 4.34
N LYS A 41 -16.17 -18.70 5.12
CA LYS A 41 -16.66 -20.06 4.97
C LYS A 41 -15.55 -21.03 4.64
N GLY A 42 -14.52 -21.03 5.47
CA GLY A 42 -13.43 -21.98 5.36
C GLY A 42 -12.47 -21.73 4.21
N HIS A 43 -12.59 -20.59 3.55
CA HIS A 43 -11.63 -20.17 2.54
C HIS A 43 -10.82 -18.98 3.06
N ALA A 44 -9.50 -19.09 3.00
CA ALA A 44 -8.58 -18.11 3.55
C ALA A 44 -8.03 -17.18 2.47
N PHE A 45 -8.16 -15.88 2.66
CA PHE A 45 -7.63 -14.91 1.70
C PHE A 45 -6.59 -14.10 2.39
N LYS A 46 -5.36 -14.15 1.90
CA LYS A 46 -4.31 -13.28 2.41
C LYS A 46 -4.49 -11.88 1.89
N ALA A 47 -4.11 -10.91 2.71
CA ALA A 47 -4.24 -9.53 2.31
C ALA A 47 -3.41 -8.58 3.17
N HIS A 48 -3.44 -7.30 2.81
CA HIS A 48 -2.83 -6.25 3.60
C HIS A 48 -3.92 -5.42 4.29
N ARG A 49 -3.83 -5.32 5.61
CA ARG A 49 -4.79 -4.54 6.40
C ARG A 49 -4.96 -3.14 5.87
N ALA A 50 -3.84 -2.52 5.55
CA ALA A 50 -3.81 -1.16 5.08
C ALA A 50 -4.70 -0.94 3.87
N VAL A 51 -4.61 -1.84 2.90
CA VAL A 51 -5.38 -1.72 1.65
C VAL A 51 -6.87 -1.94 1.87
N LEU A 52 -7.20 -2.92 2.70
CA LEU A 52 -8.61 -3.17 3.07
C LEU A 52 -9.18 -1.94 3.79
N ALA A 53 -8.43 -1.42 4.74
CA ALA A 53 -8.84 -0.28 5.53
C ALA A 53 -9.08 0.96 4.66
N ALA A 54 -8.26 1.13 3.63
CA ALA A 54 -8.38 2.28 2.74
C ALA A 54 -9.75 2.33 2.06
N SER A 55 -10.34 1.16 1.78
CA SER A 55 -11.59 1.13 1.03
C SER A 55 -12.81 0.71 1.85
N SER A 56 -12.59 0.25 3.07
CA SER A 56 -13.67 -0.30 3.89
C SER A 56 -13.69 0.26 5.30
N SER A 57 -14.77 0.94 5.68
CA SER A 57 -14.83 1.45 7.06
C SER A 57 -15.08 0.31 8.04
N TYR A 58 -15.53 -0.82 7.53
CA TYR A 58 -15.72 -1.98 8.40
C TYR A 58 -14.33 -2.54 8.79
N PHE A 59 -13.44 -2.72 7.82
CA PHE A 59 -12.10 -3.19 8.13
C PHE A 59 -11.25 -2.16 8.88
N ARG A 60 -11.48 -0.88 8.59
CA ARG A 60 -10.85 0.19 9.32
C ARG A 60 -11.15 0.04 10.81
N ASP A 61 -12.41 -0.15 11.16
CA ASP A 61 -12.82 -0.22 12.56
C ASP A 61 -12.38 -1.54 13.18
N LEU A 62 -12.50 -2.62 12.43
CA LEU A 62 -12.02 -3.92 12.89
C LEU A 62 -10.50 -3.94 13.19
N PHE A 63 -9.69 -3.47 12.24
CA PHE A 63 -8.23 -3.48 12.41
C PHE A 63 -7.77 -2.41 13.42
N ASN A 64 -8.59 -1.39 13.66
CA ASN A 64 -8.34 -0.47 14.77
C ASN A 64 -8.45 -1.17 16.11
N ASN A 65 -9.21 -2.25 16.16
CA ASN A 65 -9.62 -2.79 17.44
C ASN A 65 -9.23 -4.25 17.66
N SER A 66 -8.45 -4.79 16.76
CA SER A 66 -8.02 -6.16 16.87
C SER A 66 -6.72 -6.34 16.11
N ARG A 67 -5.86 -7.15 16.72
CA ARG A 67 -4.52 -7.46 16.25
C ARG A 67 -4.39 -8.93 15.82
N SER A 68 -5.51 -9.65 15.81
CA SER A 68 -5.49 -11.06 15.43
C SER A 68 -4.97 -11.25 14.00
N ALA A 69 -4.19 -12.30 13.78
CA ALA A 69 -3.59 -12.56 12.45
C ALA A 69 -4.68 -13.03 11.48
N VAL A 70 -5.65 -13.77 12.00
CA VAL A 70 -6.77 -14.24 11.20
C VAL A 70 -8.04 -13.56 11.68
N VAL A 71 -8.87 -13.11 10.76
CA VAL A 71 -10.21 -12.75 11.14
C VAL A 71 -11.19 -13.59 10.31
N GLU A 72 -12.26 -14.06 10.94
CA GLU A 72 -13.33 -14.75 10.21
C GLU A 72 -14.58 -13.89 10.10
N LEU A 73 -15.08 -13.76 8.89
CA LEU A 73 -16.26 -12.97 8.65
C LEU A 73 -17.54 -13.78 8.89
N PRO A 74 -18.65 -13.07 9.17
CA PRO A 74 -19.86 -13.82 9.44
C PRO A 74 -20.55 -14.38 8.23
N ALA A 75 -21.51 -15.25 8.54
CA ALA A 75 -22.18 -16.09 7.60
C ALA A 75 -22.76 -15.30 6.47
N ALA A 76 -22.95 -14.01 6.69
CA ALA A 76 -23.43 -13.15 5.63
C ALA A 76 -22.54 -13.41 4.42
N VAL A 77 -21.29 -12.97 4.55
CA VAL A 77 -20.28 -12.99 3.51
C VAL A 77 -20.00 -14.35 2.92
N GLN A 78 -20.00 -14.44 1.60
CA GLN A 78 -19.66 -15.69 0.93
C GLN A 78 -18.34 -15.51 0.19
N PRO A 79 -17.62 -16.62 -0.05
CA PRO A 79 -16.28 -16.55 -0.62
C PRO A 79 -16.20 -15.90 -1.99
N GLN A 80 -17.04 -16.31 -2.92
CA GLN A 80 -16.97 -15.72 -4.28
C GLN A 80 -17.16 -14.19 -4.23
N SER A 81 -18.14 -13.75 -3.43
CA SER A 81 -18.46 -12.35 -3.31
C SER A 81 -17.31 -11.62 -2.71
N PHE A 82 -16.73 -12.23 -1.68
CA PHE A 82 -15.65 -11.60 -0.99
C PHE A 82 -14.46 -11.44 -1.91
N GLN A 83 -14.21 -12.47 -2.69
CA GLN A 83 -13.13 -12.45 -3.64
C GLN A 83 -13.24 -11.24 -4.57
N GLN A 84 -14.46 -10.96 -5.03
CA GLN A 84 -14.69 -9.85 -5.93
C GLN A 84 -14.43 -8.53 -5.23
N ILE A 85 -14.82 -8.44 -3.98
CA ILE A 85 -14.70 -7.20 -3.19
C ILE A 85 -13.21 -6.95 -2.92
N LEU A 86 -12.51 -8.01 -2.57
CA LEU A 86 -11.08 -7.94 -2.30
C LEU A 86 -10.32 -7.42 -3.52
N SER A 87 -10.66 -7.99 -4.66
CA SER A 87 -10.06 -7.57 -5.92
C SER A 87 -10.36 -6.10 -6.19
N PHE A 88 -11.59 -5.66 -5.93
CA PHE A 88 -11.92 -4.27 -6.05
C PHE A 88 -10.99 -3.38 -5.20
N CYS A 89 -10.82 -3.73 -3.92
CA CYS A 89 -9.96 -2.92 -3.04
C CYS A 89 -8.55 -2.74 -3.58
N TYR A 90 -8.08 -3.64 -4.42
CA TYR A 90 -6.72 -3.55 -4.97
C TYR A 90 -6.65 -3.01 -6.39
N THR A 91 -7.80 -2.79 -7.02
CA THR A 91 -7.78 -2.42 -8.44
C THR A 91 -8.73 -1.31 -8.80
N GLY A 92 -9.78 -1.13 -8.02
CA GLY A 92 -10.81 -0.17 -8.38
C GLY A 92 -11.80 -0.71 -9.40
N ARG A 93 -11.63 -1.98 -9.79
CA ARG A 93 -12.56 -2.63 -10.70
C ARG A 93 -13.44 -3.62 -9.98
N LEU A 94 -14.74 -3.57 -10.27
CA LEU A 94 -15.71 -4.49 -9.67
C LEU A 94 -16.37 -5.28 -10.80
N SER A 95 -16.20 -6.59 -10.83
CA SER A 95 -16.74 -7.33 -11.94
C SER A 95 -18.23 -7.63 -11.74
N MET A 96 -18.87 -7.98 -12.85
CA MET A 96 -20.28 -8.29 -12.94
C MET A 96 -20.51 -9.73 -12.45
N ASN A 97 -21.64 -9.97 -11.79
CA ASN A 97 -21.86 -11.27 -11.16
C ASN A 97 -23.22 -11.84 -11.55
N VAL A 98 -23.29 -12.68 -12.59
CA VAL A 98 -24.61 -13.07 -13.07
C VAL A 98 -25.26 -14.02 -12.08
N GLY A 99 -26.39 -13.61 -11.52
CA GLY A 99 -27.09 -14.44 -10.55
C GLY A 99 -26.85 -14.09 -9.08
N ASP A 100 -25.71 -13.49 -8.76
CA ASP A 100 -25.43 -13.21 -7.36
C ASP A 100 -25.08 -11.75 -7.10
N GLN A 101 -25.62 -10.90 -7.96
CA GLN A 101 -25.45 -9.48 -7.78
C GLN A 101 -26.05 -9.05 -6.44
N ASP A 102 -27.20 -9.62 -6.04
CA ASP A 102 -27.76 -9.25 -4.75
C ASP A 102 -26.81 -9.55 -3.59
N LEU A 103 -26.19 -10.73 -3.61
CA LEU A 103 -25.24 -11.10 -2.56
C LEU A 103 -24.03 -10.18 -2.59
N LEU A 104 -23.51 -9.93 -3.78
CA LEU A 104 -22.35 -9.09 -3.94
C LEU A 104 -22.65 -7.71 -3.33
N MET A 105 -23.80 -7.16 -3.65
CA MET A 105 -24.14 -5.83 -3.17
C MET A 105 -24.33 -5.84 -1.65
N TYR A 106 -25.03 -6.83 -1.14
CA TYR A 106 -25.23 -7.00 0.28
C TYR A 106 -23.88 -7.03 1.02
N THR A 107 -22.94 -7.82 0.51
CA THR A 107 -21.61 -7.95 1.11
C THR A 107 -20.80 -6.67 1.03
N ALA A 108 -20.89 -5.99 -0.11
CA ALA A 108 -20.20 -4.72 -0.23
C ALA A 108 -20.73 -3.73 0.81
N GLY A 109 -22.05 -3.71 0.99
CA GLY A 109 -22.67 -2.85 1.99
C GLY A 109 -22.29 -3.27 3.39
N PHE A 110 -22.37 -4.57 3.65
CA PHE A 110 -21.96 -5.08 4.94
C PHE A 110 -20.54 -4.63 5.31
N LEU A 111 -19.61 -4.81 4.37
CA LEU A 111 -18.22 -4.45 4.59
C LEU A 111 -17.99 -2.94 4.45
N GLN A 112 -19.08 -2.20 4.32
CA GLN A 112 -19.04 -0.75 4.21
C GLN A 112 -17.98 -0.20 3.20
N ILE A 113 -17.92 -0.77 1.99
CA ILE A 113 -17.12 -0.40 0.83
CA ILE A 113 -17.13 -0.42 0.81
C ILE A 113 -17.76 0.84 0.24
N GLN A 114 -17.19 1.97 0.61
CA GLN A 114 -17.76 3.27 0.45
C GLN A 114 -17.90 3.78 -1.01
N GLU A 115 -16.94 3.42 -1.87
CA GLU A 115 -16.93 3.94 -3.25
C GLU A 115 -17.62 3.01 -4.26
N ILE A 116 -18.14 1.89 -3.80
CA ILE A 116 -18.70 0.92 -4.72
C ILE A 116 -20.04 1.35 -5.26
N MET A 117 -20.76 2.18 -4.49
CA MET A 117 -22.07 2.67 -4.92
C MET A 117 -21.93 4.17 -5.21
N GLU A 118 -22.83 4.69 -6.03
CA GLU A 118 -22.65 6.03 -6.60
C GLU A 118 -23.71 7.01 -6.13
N LYS A 119 -23.49 8.29 -6.46
CA LYS A 119 -24.45 9.35 -6.14
C LYS A 119 -24.85 9.30 -4.67
N ALA B 6 -13.58 -11.85 -14.94
CA ALA B 6 -12.71 -11.26 -15.99
C ALA B 6 -13.45 -11.16 -17.34
N GLN B 7 -14.75 -10.91 -17.27
CA GLN B 7 -15.51 -10.33 -18.36
C GLN B 7 -16.03 -8.98 -17.88
N THR B 8 -17.31 -8.74 -18.13
CA THR B 8 -17.94 -7.43 -17.95
C THR B 8 -17.76 -6.83 -16.56
N LEU B 9 -17.23 -5.62 -16.53
CA LEU B 9 -17.10 -4.87 -15.31
C LEU B 9 -18.39 -4.13 -15.07
N GLN B 10 -18.76 -3.95 -13.80
CA GLN B 10 -19.88 -3.08 -13.50
C GLN B 10 -19.40 -1.75 -12.94
N MET B 11 -18.12 -1.67 -12.62
CA MET B 11 -17.55 -0.36 -12.36
C MET B 11 -16.04 -0.41 -12.45
N GLU B 12 -15.46 0.74 -12.77
CA GLU B 12 -14.03 0.88 -12.85
C GLU B 12 -13.71 2.30 -12.47
N ILE B 13 -13.05 2.49 -11.34
CA ILE B 13 -12.70 3.82 -10.89
C ILE B 13 -11.36 4.19 -11.52
N PRO B 14 -11.34 5.27 -12.31
CA PRO B 14 -10.06 5.69 -12.86
C PRO B 14 -9.10 6.19 -11.77
N ASN B 15 -7.81 5.97 -11.99
CA ASN B 15 -6.82 6.52 -11.10
C ASN B 15 -7.10 6.15 -9.65
N PHE B 16 -7.58 4.93 -9.48
CA PHE B 16 -7.84 4.38 -8.15
C PHE B 16 -6.57 4.29 -7.29
N GLY B 17 -5.50 3.74 -7.86
CA GLY B 17 -4.23 3.56 -7.13
C GLY B 17 -3.69 4.88 -6.60
N ASN B 18 -3.77 5.94 -7.40
CA ASN B 18 -3.34 7.28 -6.98
C ASN B 18 -4.03 7.71 -5.67
N SER B 19 -5.33 7.44 -5.56
CA SER B 19 -6.04 7.88 -4.37
C SER B 19 -5.75 6.93 -3.21
N ILE B 20 -5.60 5.65 -3.48
CA ILE B 20 -5.40 4.68 -2.41
C ILE B 20 -4.00 4.86 -1.77
N LEU B 21 -2.98 5.04 -2.60
CA LEU B 21 -1.66 5.30 -2.07
C LEU B 21 -1.66 6.55 -1.20
N GLU B 22 -2.43 7.55 -1.61
CA GLU B 22 -2.56 8.77 -0.82
C GLU B 22 -3.14 8.45 0.58
N CYS B 23 -4.11 7.56 0.71
CA CYS B 23 -4.74 7.03 1.90
CA CYS B 23 -4.77 6.98 1.89
C CYS B 23 -3.68 6.29 2.72
N LEU B 24 -2.88 5.47 2.03
CA LEU B 24 -1.80 4.74 2.69
C LEU B 24 -0.80 5.70 3.31
N ASN B 25 -0.51 6.79 2.63
CA ASN B 25 0.41 7.76 3.18
C ASN B 25 -0.13 8.38 4.46
N GLU B 26 -1.41 8.75 4.45
CA GLU B 26 -2.08 9.35 5.60
C GLU B 26 -2.10 8.35 6.75
N GLN B 27 -2.37 7.09 6.48
CA GLN B 27 -2.34 6.07 7.53
C GLN B 27 -0.96 6.02 8.19
N ARG B 28 0.09 5.94 7.36
CA ARG B 28 1.46 5.91 7.88
C ARG B 28 1.71 7.10 8.78
N LEU B 29 1.36 8.28 8.28
CA LEU B 29 1.62 9.51 9.04
C LEU B 29 0.92 9.50 10.39
N GLN B 30 -0.15 8.71 10.50
CA GLN B 30 -0.85 8.59 11.79
C GLN B 30 -0.50 7.31 12.55
N GLY B 31 0.45 6.53 12.03
CA GLY B 31 0.81 5.24 12.63
C GLY B 31 -0.25 4.15 12.52
N LEU B 32 -1.06 4.15 11.47
CA LEU B 32 -2.15 3.16 11.36
C LEU B 32 -1.87 2.01 10.39
N TYR B 33 -2.18 0.81 10.85
CA TYR B 33 -2.12 -0.40 10.00
C TYR B 33 -0.69 -0.65 9.48
N CYS B 34 0.30 -0.06 10.13
CA CYS B 34 1.70 -0.29 9.79
C CYS B 34 2.20 -1.59 10.41
N ASP B 35 3.11 -2.28 9.73
CA ASP B 35 3.55 -3.60 10.19
C ASP B 35 5.07 -3.65 10.34
N VAL B 36 5.72 -2.51 10.20
CA VAL B 36 7.14 -2.45 10.46
C VAL B 36 7.52 -1.10 10.98
N SER B 37 8.55 -1.08 11.80
CA SER B 37 9.15 0.13 12.30
C SER B 37 10.62 0.16 11.86
N VAL B 38 10.97 1.15 11.06
CA VAL B 38 12.32 1.24 10.53
C VAL B 38 13.06 2.28 11.31
N VAL B 39 14.14 1.86 11.95
CA VAL B 39 14.87 2.74 12.87
C VAL B 39 16.18 3.21 12.23
N VAL B 40 16.38 4.52 12.25
CA VAL B 40 17.53 5.17 11.60
C VAL B 40 18.16 6.20 12.55
N LYS B 41 19.36 5.90 13.05
CA LYS B 41 20.04 6.74 14.05
C LYS B 41 19.10 7.05 15.21
N GLY B 42 18.46 6.01 15.71
CA GLY B 42 17.58 6.14 16.86
C GLY B 42 16.24 6.81 16.60
N HIS B 43 15.94 7.12 15.34
CA HIS B 43 14.65 7.71 14.99
C HIS B 43 13.80 6.65 14.30
N ALA B 44 12.63 6.36 14.86
CA ALA B 44 11.80 5.25 14.39
C ALA B 44 10.69 5.72 13.46
N PHE B 45 10.49 5.00 12.36
CA PHE B 45 9.51 5.36 11.35
C PHE B 45 8.59 4.18 11.10
N LYS B 46 7.30 4.40 11.30
CA LYS B 46 6.30 3.38 11.00
C LYS B 46 6.05 3.36 9.51
N ALA B 47 5.79 2.18 8.97
CA ALA B 47 5.61 2.02 7.55
C ALA B 47 4.87 0.73 7.28
N HIS B 48 4.56 0.51 6.00
CA HIS B 48 4.02 -0.74 5.53
C HIS B 48 5.07 -1.46 4.68
N ARG B 49 5.43 -2.67 5.06
CA ARG B 49 6.44 -3.42 4.31
C ARG B 49 6.13 -3.49 2.83
N ALA B 50 4.86 -3.66 2.51
CA ALA B 50 4.43 -3.80 1.13
C ALA B 50 4.77 -2.60 0.29
N VAL B 51 4.58 -1.40 0.85
CA VAL B 51 4.85 -0.17 0.12
C VAL B 51 6.38 0.01 -0.05
N LEU B 52 7.14 -0.32 0.99
CA LEU B 52 8.61 -0.26 0.90
C LEU B 52 9.14 -1.22 -0.14
N ALA B 53 8.69 -2.47 -0.09
CA ALA B 53 9.13 -3.50 -1.02
C ALA B 53 8.78 -3.22 -2.47
N ALA B 54 7.72 -2.46 -2.71
CA ALA B 54 7.35 -2.19 -4.09
C ALA B 54 8.39 -1.27 -4.77
N SER B 55 9.10 -0.48 -3.98
CA SER B 55 10.02 0.50 -4.54
C SER B 55 11.50 0.23 -4.21
N SER B 56 11.75 -0.66 -3.24
CA SER B 56 13.09 -0.85 -2.70
C SER B 56 13.49 -2.30 -2.68
N SER B 57 14.43 -2.60 -3.55
CA SER B 57 15.05 -3.88 -3.60
C SER B 57 15.81 -4.25 -2.31
N TYR B 58 16.35 -3.22 -1.64
CA TYR B 58 17.04 -3.43 -0.36
C TYR B 58 16.01 -3.94 0.66
N PHE B 59 14.89 -3.26 0.77
CA PHE B 59 13.88 -3.68 1.74
C PHE B 59 13.28 -5.04 1.42
N ARG B 60 12.96 -5.29 0.16
CA ARG B 60 12.49 -6.62 -0.22
C ARG B 60 13.37 -7.69 0.39
N ASP B 61 14.68 -7.52 0.21
CA ASP B 61 15.67 -8.48 0.69
C ASP B 61 15.66 -8.57 2.21
N LEU B 62 15.60 -7.41 2.84
CA LEU B 62 15.72 -7.31 4.27
C LEU B 62 14.52 -8.03 4.91
N PHE B 63 13.36 -7.99 4.25
CA PHE B 63 12.13 -8.51 4.85
C PHE B 63 12.02 -10.02 4.70
N ASN B 64 12.81 -10.59 3.79
CA ASN B 64 12.75 -12.03 3.53
C ASN B 64 13.78 -12.77 4.36
N ASN B 65 14.84 -12.08 4.75
CA ASN B 65 15.85 -12.63 5.64
C ASN B 65 15.56 -12.27 7.09
N SER B 66 14.31 -11.92 7.40
CA SER B 66 13.97 -11.62 8.78
C SER B 66 12.52 -11.86 9.16
N ARG B 67 12.31 -12.00 10.47
CA ARG B 67 10.99 -12.15 11.07
C ARG B 67 10.95 -11.21 12.29
N SER B 68 10.83 -9.90 12.02
CA SER B 68 10.92 -8.88 13.07
C SER B 68 10.20 -7.59 12.69
N ALA B 69 9.42 -7.06 13.63
CA ALA B 69 8.60 -5.89 13.38
C ALA B 69 9.44 -4.61 13.36
N VAL B 70 10.68 -4.71 13.86
CA VAL B 70 11.59 -3.58 13.93
C VAL B 70 12.84 -3.86 13.10
N VAL B 71 13.18 -2.95 12.18
CA VAL B 71 14.43 -3.05 11.44
C VAL B 71 15.34 -1.84 11.72
N GLU B 72 16.62 -2.12 11.91
CA GLU B 72 17.60 -1.07 12.13
C GLU B 72 18.48 -0.92 10.89
N LEU B 73 18.53 0.28 10.32
CA LEU B 73 19.40 0.51 9.17
C LEU B 73 20.79 0.85 9.64
N PRO B 74 21.80 0.49 8.83
CA PRO B 74 23.18 0.80 9.16
C PRO B 74 23.38 2.30 9.35
N ALA B 75 24.42 2.64 10.11
CA ALA B 75 24.75 4.03 10.46
C ALA B 75 25.02 4.94 9.26
N ALA B 76 25.30 4.34 8.11
CA ALA B 76 25.54 5.13 6.90
C ALA B 76 24.26 5.81 6.40
N VAL B 77 23.10 5.32 6.85
CA VAL B 77 21.82 5.89 6.42
C VAL B 77 21.37 6.95 7.41
N GLN B 78 21.15 8.15 6.91
CA GLN B 78 20.76 9.29 7.73
C GLN B 78 19.27 9.46 7.78
N PRO B 79 18.76 10.01 8.88
CA PRO B 79 17.34 10.20 9.14
C PRO B 79 16.62 11.14 8.19
N GLN B 80 17.20 12.30 7.88
CA GLN B 80 16.49 13.27 7.04
C GLN B 80 16.36 12.75 5.63
N SER B 81 17.44 12.20 5.11
CA SER B 81 17.43 11.58 3.80
C SER B 81 16.46 10.43 3.75
N PHE B 82 16.54 9.55 4.73
CA PHE B 82 15.61 8.44 4.78
C PHE B 82 14.15 8.94 4.71
N GLN B 83 13.82 9.94 5.54
CA GLN B 83 12.49 10.50 5.55
C GLN B 83 12.06 10.92 4.15
N GLN B 84 12.99 11.51 3.39
CA GLN B 84 12.68 11.94 2.04
C GLN B 84 12.38 10.75 1.14
N ILE B 85 13.17 9.68 1.27
CA ILE B 85 12.97 8.43 0.53
C ILE B 85 11.63 7.76 0.94
N LEU B 86 11.38 7.66 2.24
CA LEU B 86 10.12 7.07 2.73
C LEU B 86 8.92 7.82 2.12
N SER B 87 8.91 9.14 2.23
CA SER B 87 7.83 9.91 1.64
C SER B 87 7.72 9.62 0.14
N PHE B 88 8.86 9.54 -0.55
CA PHE B 88 8.83 9.27 -1.98
C PHE B 88 8.12 7.95 -2.26
N CYS B 89 8.38 6.94 -1.43
CA CYS B 89 7.78 5.61 -1.69
C CYS B 89 6.25 5.64 -1.62
N TYR B 90 5.72 6.68 -0.97
CA TYR B 90 4.30 6.79 -0.71
C TYR B 90 3.65 7.89 -1.56
N THR B 91 4.43 8.57 -2.38
CA THR B 91 3.92 9.73 -3.12
C THR B 91 4.46 9.78 -4.54
N GLY B 92 5.65 9.26 -4.77
CA GLY B 92 6.26 9.36 -6.10
C GLY B 92 6.83 10.74 -6.31
N ARG B 93 6.91 11.49 -5.23
CA ARG B 93 7.48 12.80 -5.26
C ARG B 93 8.69 12.83 -4.38
N LEU B 94 9.73 13.49 -4.84
CA LEU B 94 10.94 13.64 -4.07
C LEU B 94 11.24 15.11 -4.09
N SER B 95 11.58 15.66 -2.94
CA SER B 95 11.86 17.07 -2.82
C SER B 95 13.07 17.22 -1.90
N MET B 96 13.82 18.32 -2.05
CA MET B 96 14.99 18.55 -1.22
C MET B 96 15.72 19.85 -1.62
N ASN B 97 16.61 20.32 -0.76
CA ASN B 97 17.30 21.57 -1.01
C ASN B 97 18.56 21.32 -1.84
N VAL B 98 18.93 22.29 -2.66
CA VAL B 98 20.24 22.31 -3.25
C VAL B 98 21.22 22.31 -2.07
N GLY B 99 22.21 21.44 -2.12
CA GLY B 99 23.09 21.23 -0.98
C GLY B 99 22.85 19.89 -0.32
N ASP B 100 21.70 19.26 -0.62
CA ASP B 100 21.37 17.95 -0.06
C ASP B 100 21.21 16.85 -1.10
N GLN B 101 21.40 17.16 -2.37
CA GLN B 101 21.19 16.16 -3.42
C GLN B 101 22.15 14.95 -3.35
N ASP B 102 23.39 15.18 -2.90
CA ASP B 102 24.38 14.11 -2.89
C ASP B 102 23.99 13.04 -1.88
N LEU B 103 23.70 13.49 -0.65
CA LEU B 103 23.22 12.64 0.41
C LEU B 103 21.92 11.90 0.03
N LEU B 104 20.97 12.60 -0.58
CA LEU B 104 19.75 11.94 -1.03
C LEU B 104 20.05 10.84 -2.08
N MET B 105 20.89 11.14 -3.06
CA MET B 105 21.24 10.16 -4.09
C MET B 105 21.97 8.95 -3.49
N TYR B 106 22.85 9.20 -2.52
CA TYR B 106 23.54 8.13 -1.82
C TYR B 106 22.55 7.23 -1.10
N THR B 107 21.59 7.86 -0.43
CA THR B 107 20.58 7.13 0.32
C THR B 107 19.66 6.30 -0.61
N ALA B 108 19.25 6.89 -1.72
CA ALA B 108 18.48 6.19 -2.71
C ALA B 108 19.23 4.97 -3.27
N GLY B 109 20.55 5.11 -3.42
CA GLY B 109 21.38 4.01 -3.91
C GLY B 109 21.41 2.90 -2.88
N PHE B 110 21.70 3.26 -1.64
CA PHE B 110 21.80 2.31 -0.53
C PHE B 110 20.53 1.45 -0.47
N LEU B 111 19.37 2.13 -0.53
CA LEU B 111 18.06 1.48 -0.43
C LEU B 111 17.58 0.96 -1.77
N GLN B 112 18.41 1.14 -2.79
CA GLN B 112 18.17 0.56 -4.11
C GLN B 112 16.79 0.94 -4.64
N ILE B 113 16.49 2.24 -4.56
CA ILE B 113 15.26 2.79 -5.11
C ILE B 113 15.46 3.05 -6.60
N GLN B 114 15.17 2.08 -7.43
CA GLN B 114 15.63 2.14 -8.81
C GLN B 114 14.85 3.13 -9.66
N GLU B 115 13.66 3.52 -9.23
CA GLU B 115 12.91 4.50 -10.00
C GLU B 115 13.63 5.84 -9.96
N ILE B 116 14.39 6.07 -8.91
CA ILE B 116 15.04 7.35 -8.75
C ILE B 116 16.17 7.60 -9.74
N MET B 117 17.06 6.65 -9.96
CA MET B 117 18.22 6.94 -10.80
C MET B 117 18.18 6.19 -12.13
N GLU B 118 17.22 6.53 -12.99
CA GLU B 118 17.10 5.88 -14.30
C GLU B 118 16.38 6.76 -15.34
N LYS B 119 16.42 6.35 -16.61
CA LYS B 119 15.77 7.10 -17.68
C LYS B 119 14.31 7.37 -17.35
N GLY B 120 13.72 8.38 -17.99
CA GLY B 120 12.36 8.81 -17.67
C GLY B 120 12.43 10.17 -17.01
N THR B 121 11.42 10.53 -16.22
CA THR B 121 11.43 11.81 -15.48
C THR B 121 12.70 11.91 -14.63
N GLU B 122 12.91 13.09 -14.03
CA GLU B 122 14.16 13.44 -13.39
C GLU B 122 13.94 14.60 -12.43
N PHE B 123 15.01 15.08 -11.82
CA PHE B 123 14.92 16.26 -10.95
C PHE B 123 14.88 17.57 -11.71
N PHE B 124 14.19 18.56 -11.15
CA PHE B 124 14.13 19.89 -11.72
C PHE B 124 14.20 20.94 -10.58
N LEU B 125 14.40 22.21 -10.94
CA LEU B 125 14.28 23.33 -9.99
C LEU B 125 12.82 23.75 -9.81
N LYS B 126 12.29 23.68 -8.58
CA LYS B 126 10.87 23.99 -8.34
C LYS B 126 10.58 25.47 -8.49
N VAL B 127 9.36 25.78 -8.91
CA VAL B 127 8.97 27.15 -9.23
C VAL B 127 8.25 27.84 -8.06
#